data_1I8N
#
_entry.id   1I8N
#
_cell.length_a   73.45
_cell.length_b   73.45
_cell.length_c   199.49
_cell.angle_alpha   90.00
_cell.angle_beta   90.00
_cell.angle_gamma   90.00
#
_symmetry.space_group_name_H-M   'P 43 2 2'
#
loop_
_entity.id
_entity.type
_entity.pdbx_description
1 polymer 'ANTI-PLATELET PROTEIN'
2 non-polymer PROPIONAMIDE
3 water water
#
_entity_poly.entity_id   1
_entity_poly.type   'polypeptide(L)'
_entity_poly.pdbx_seq_one_letter_code
;QDEDAGGAGDETSEGEDTTGSDETPSTGGGGDGGNEETITAGNEDCWSKRPGWKLPDNLLTKTEFTSVDECRKMCEESAV
EPSCYILQINTETNECYRNNEGDVTWSSLQYDQPNVVQWHLHACSK
;
_entity_poly.pdbx_strand_id   A,B,C
#
loop_
_chem_comp.id
_chem_comp.type
_chem_comp.name
_chem_comp.formula
ROP non-polymer PROPIONAMIDE 'C3 H7 N O'
#
# COMPACT_ATOMS: atom_id res chain seq x y z
N GLU A 37 7.06 -4.84 -4.31
CA GLU A 37 6.33 -5.71 -3.31
C GLU A 37 4.86 -5.37 -3.22
N THR A 38 4.03 -6.41 -3.09
CA THR A 38 2.58 -6.28 -3.06
C THR A 38 1.95 -7.28 -2.10
N ILE A 39 1.11 -6.78 -1.20
CA ILE A 39 0.52 -7.70 -0.29
C ILE A 39 -0.96 -7.51 -0.14
N THR A 40 -1.63 -8.54 0.38
CA THR A 40 -3.06 -8.40 0.64
C THR A 40 -3.50 -9.34 1.70
N ALA A 41 -4.59 -8.95 2.39
CA ALA A 41 -5.18 -9.75 3.44
C ALA A 41 -6.36 -10.52 2.85
N GLY A 42 -6.38 -10.67 1.52
CA GLY A 42 -7.48 -11.35 0.83
C GLY A 42 -8.88 -10.72 1.01
N ASN A 43 -8.92 -9.42 1.31
CA ASN A 43 -10.18 -8.70 1.53
C ASN A 43 -10.52 -7.71 0.36
N GLU A 44 -9.85 -7.84 -0.78
CA GLU A 44 -10.11 -6.93 -1.87
C GLU A 44 -9.23 -5.68 -1.82
N ASP A 45 -8.41 -5.57 -0.77
CA ASP A 45 -7.48 -4.45 -0.63
C ASP A 45 -6.08 -4.94 -0.88
N CYS A 46 -5.40 -4.38 -1.86
CA CYS A 46 -4.03 -4.77 -2.11
C CYS A 46 -3.11 -3.58 -1.85
N TRP A 47 -1.92 -3.89 -1.35
CA TRP A 47 -0.99 -2.85 -1.04
C TRP A 47 0.28 -3.01 -1.76
N SER A 48 0.74 -1.94 -2.40
CA SER A 48 2.02 -2.07 -3.03
C SER A 48 2.97 -1.03 -2.43
N LYS A 49 4.23 -1.39 -2.47
CA LYS A 49 5.27 -0.62 -1.86
C LYS A 49 6.08 0.21 -2.80
N ARG A 50 6.44 1.42 -2.36
CA ARG A 50 7.33 2.27 -3.12
C ARG A 50 8.41 2.82 -2.17
N PRO A 51 9.52 2.08 -2.06
CA PRO A 51 10.65 2.48 -1.22
C PRO A 51 11.20 3.80 -1.75
N GLY A 52 11.57 4.70 -0.83
CA GLY A 52 12.18 5.95 -1.22
C GLY A 52 11.30 7.06 -1.78
N TRP A 53 9.98 6.82 -1.86
CA TRP A 53 9.10 7.83 -2.39
C TRP A 53 8.71 8.74 -1.28
N LYS A 54 8.80 10.02 -1.56
CA LYS A 54 8.47 11.01 -0.57
C LYS A 54 7.71 12.20 -1.11
N LEU A 55 6.50 12.33 -0.67
CA LEU A 55 5.71 13.49 -0.99
C LEU A 55 6.13 14.49 0.10
N PRO A 56 5.92 15.79 -0.15
CA PRO A 56 6.29 16.83 0.82
C PRO A 56 5.30 16.81 1.94
N ASP A 57 5.76 17.24 3.13
CA ASP A 57 4.93 17.26 4.34
C ASP A 57 3.55 17.92 4.19
N ASN A 58 3.46 18.98 3.37
CA ASN A 58 2.16 19.66 3.28
C ASN A 58 1.14 18.84 2.51
N LEU A 59 1.55 17.77 1.85
CA LEU A 59 0.58 16.94 1.12
C LEU A 59 0.23 15.70 1.98
N LEU A 60 0.70 15.71 3.23
CA LEU A 60 0.46 14.57 4.14
C LEU A 60 -0.15 14.95 5.48
N THR A 61 -0.87 14.01 6.06
CA THR A 61 -1.44 14.21 7.38
C THR A 61 -0.82 13.10 8.24
N LYS A 62 -0.07 13.51 9.26
CA LYS A 62 0.52 12.54 10.19
C LYS A 62 -0.63 11.82 10.94
N THR A 63 -0.52 10.50 11.06
CA THR A 63 -1.54 9.73 11.78
C THR A 63 -0.96 9.39 13.16
N GLU A 64 -1.80 8.80 13.99
CA GLU A 64 -1.41 8.37 15.35
C GLU A 64 -0.63 7.03 15.30
N PHE A 65 -0.65 6.35 14.16
CA PHE A 65 0.02 5.06 14.09
C PHE A 65 1.50 4.95 13.84
N THR A 66 2.13 4.06 14.56
CA THR A 66 3.54 3.82 14.33
C THR A 66 3.70 2.37 13.87
N SER A 67 2.59 1.68 13.73
CA SER A 67 2.66 0.30 13.19
C SER A 67 2.15 0.38 11.74
N VAL A 68 2.94 -0.08 10.78
CA VAL A 68 2.47 -0.07 9.37
C VAL A 68 1.16 -0.85 9.21
N ASP A 69 1.00 -1.95 9.96
CA ASP A 69 -0.21 -2.72 9.84
C ASP A 69 -1.39 -1.91 10.26
N GLU A 70 -1.26 -1.25 11.41
CA GLU A 70 -2.40 -0.49 11.87
C GLU A 70 -2.64 0.70 10.93
N CYS A 71 -1.58 1.30 10.42
CA CYS A 71 -1.78 2.45 9.52
C CYS A 71 -2.52 1.95 8.27
N ARG A 72 -2.02 0.86 7.67
CA ARG A 72 -2.69 0.34 6.48
C ARG A 72 -4.12 -0.03 6.79
N LYS A 73 -4.36 -0.57 8.00
CA LYS A 73 -5.71 -1.00 8.37
C LYS A 73 -6.61 0.23 8.41
N MET A 74 -6.13 1.28 9.06
CA MET A 74 -6.92 2.51 9.15
C MET A 74 -7.22 3.02 7.74
N CYS A 75 -6.19 3.04 6.91
CA CYS A 75 -6.37 3.54 5.55
C CYS A 75 -7.42 2.77 4.80
N GLU A 76 -7.42 1.44 4.91
CA GLU A 76 -8.41 0.68 4.15
C GLU A 76 -9.80 0.91 4.67
N GLU A 77 -9.90 1.20 5.95
CA GLU A 77 -11.21 1.35 6.58
C GLU A 77 -11.75 2.74 6.67
N SER A 78 -10.85 3.72 6.63
CA SER A 78 -11.33 5.09 6.75
C SER A 78 -12.38 5.35 5.67
N ALA A 79 -13.47 6.03 6.03
CA ALA A 79 -14.49 6.30 5.02
C ALA A 79 -14.48 7.82 4.77
N VAL A 80 -13.79 8.53 5.65
CA VAL A 80 -13.67 9.97 5.55
C VAL A 80 -13.01 10.42 4.20
N GLU A 81 -13.72 11.24 3.42
CA GLU A 81 -13.16 11.80 2.18
C GLU A 81 -12.46 13.08 2.61
N PRO A 82 -11.27 13.41 2.05
CA PRO A 82 -10.57 12.64 1.03
C PRO A 82 -10.12 11.25 1.48
N SER A 83 -10.48 10.28 0.68
CA SER A 83 -10.13 8.89 0.90
C SER A 83 -8.63 8.69 0.99
N CYS A 84 -8.26 7.88 1.97
CA CYS A 84 -6.87 7.51 2.21
C CYS A 84 -6.45 6.51 1.15
N TYR A 85 -5.28 6.67 0.51
CA TYR A 85 -4.86 5.65 -0.46
C TYR A 85 -3.37 5.60 -0.62
N ILE A 86 -2.70 6.55 0.00
CA ILE A 86 -1.24 6.58 -0.04
C ILE A 86 -0.71 6.77 1.37
N LEU A 87 0.24 5.95 1.80
CA LEU A 87 0.77 6.15 3.13
C LEU A 87 2.22 6.40 2.95
N GLN A 88 2.79 7.23 3.80
CA GLN A 88 4.22 7.45 3.67
C GLN A 88 4.74 7.21 5.06
N ILE A 89 5.83 6.44 5.17
CA ILE A 89 6.32 6.05 6.47
C ILE A 89 7.74 6.52 6.69
N ASN A 90 7.99 7.14 7.85
CA ASN A 90 9.36 7.54 8.18
C ASN A 90 9.98 6.22 8.68
N THR A 91 10.96 5.67 7.99
CA THR A 91 11.45 4.40 8.42
C THR A 91 12.38 4.38 9.62
N GLU A 92 12.70 5.52 10.21
CA GLU A 92 13.51 5.40 11.38
C GLU A 92 12.65 5.68 12.58
N THR A 93 11.52 6.36 12.40
CA THR A 93 10.66 6.61 13.53
C THR A 93 9.36 5.84 13.43
N ASN A 94 9.12 5.22 12.26
CA ASN A 94 7.87 4.48 12.01
C ASN A 94 6.62 5.35 11.99
N GLU A 95 6.81 6.68 11.97
CA GLU A 95 5.63 7.53 11.94
C GLU A 95 5.00 7.34 10.55
N CYS A 96 3.70 7.21 10.55
CA CYS A 96 2.99 6.96 9.33
C CYS A 96 2.14 8.13 8.93
N TYR A 97 2.27 8.56 7.67
CA TYR A 97 1.44 9.68 7.17
C TYR A 97 0.56 9.23 6.03
N ARG A 98 -0.60 9.84 5.88
CA ARG A 98 -1.52 9.55 4.82
C ARG A 98 -1.67 10.77 3.91
N ASN A 99 -2.12 10.56 2.69
CA ASN A 99 -2.32 11.67 1.76
C ASN A 99 -3.41 12.57 2.32
N ASN A 100 -3.21 13.89 2.23
CA ASN A 100 -4.27 14.77 2.69
C ASN A 100 -5.08 15.28 1.46
N GLU A 101 -4.72 14.88 0.25
CA GLU A 101 -5.48 15.31 -0.90
C GLU A 101 -6.38 14.20 -1.47
N GLY A 102 -7.52 14.54 -2.03
CA GLY A 102 -8.30 13.52 -2.68
C GLY A 102 -7.52 12.98 -3.90
N ASP A 103 -6.76 13.84 -4.59
CA ASP A 103 -5.98 13.37 -5.73
C ASP A 103 -4.55 13.85 -5.48
N VAL A 104 -3.65 12.92 -5.19
CA VAL A 104 -2.29 13.29 -4.85
C VAL A 104 -1.49 14.03 -5.90
N THR A 105 -0.91 15.15 -5.50
CA THR A 105 -0.15 15.93 -6.40
C THR A 105 1.22 15.31 -6.62
N TRP A 106 1.27 14.28 -7.46
CA TRP A 106 2.49 13.58 -7.72
C TRP A 106 3.55 14.42 -8.39
N SER A 107 3.18 15.59 -8.89
CA SER A 107 4.21 16.40 -9.51
C SER A 107 5.18 16.87 -8.38
N SER A 108 4.76 16.75 -7.12
CA SER A 108 5.64 17.18 -6.01
C SER A 108 6.44 16.03 -5.43
N LEU A 109 6.43 14.90 -6.12
CA LEU A 109 7.14 13.74 -5.63
C LEU A 109 8.65 13.75 -5.71
N GLN A 110 9.29 13.20 -4.68
CA GLN A 110 10.74 13.05 -4.69
C GLN A 110 10.91 11.57 -4.50
N TYR A 111 11.92 11.00 -5.15
CA TYR A 111 12.12 9.57 -5.03
C TYR A 111 13.59 9.26 -4.77
N ASP A 112 13.90 8.00 -4.53
CA ASP A 112 15.26 7.64 -4.17
C ASP A 112 15.59 8.44 -2.90
N GLN A 113 14.58 8.67 -2.07
CA GLN A 113 14.85 9.37 -0.84
C GLN A 113 15.16 8.37 0.27
N PRO A 114 15.97 8.79 1.25
CA PRO A 114 16.34 7.92 2.37
C PRO A 114 15.33 7.88 3.49
N ASN A 115 15.31 6.77 4.23
CA ASN A 115 14.43 6.66 5.39
C ASN A 115 12.96 6.82 5.17
N VAL A 116 12.49 6.46 3.99
CA VAL A 116 11.09 6.64 3.76
C VAL A 116 10.56 5.57 2.83
N VAL A 117 9.30 5.20 3.03
CA VAL A 117 8.73 4.25 2.14
C VAL A 117 7.27 4.60 2.00
N GLN A 118 6.69 4.30 0.84
CA GLN A 118 5.26 4.56 0.71
C GLN A 118 4.60 3.23 0.51
N TRP A 119 3.32 3.19 0.89
CA TRP A 119 2.48 2.03 0.70
C TRP A 119 1.25 2.56 -0.02
N HIS A 120 0.87 1.90 -1.11
CA HIS A 120 -0.26 2.33 -1.92
C HIS A 120 -1.40 1.35 -1.90
N LEU A 121 -2.56 1.80 -1.47
CA LEU A 121 -3.73 0.97 -1.45
C LEU A 121 -4.40 0.93 -2.84
N HIS A 122 -4.64 -0.28 -3.34
CA HIS A 122 -5.32 -0.46 -4.62
C HIS A 122 -6.41 -1.49 -4.40
N ALA A 123 -7.59 -1.21 -4.91
CA ALA A 123 -8.70 -2.15 -4.80
C ALA A 123 -8.25 -3.34 -5.67
N CYS A 124 -8.50 -4.58 -5.25
CA CYS A 124 -8.07 -5.72 -6.06
C CYS A 124 -9.03 -6.89 -5.89
N SER A 125 -8.78 -7.98 -6.62
CA SER A 125 -9.63 -9.17 -6.54
C SER A 125 -9.09 -10.22 -5.57
N GLU B 37 -7.03 -12.60 10.69
CA GLU B 37 -6.43 -11.91 9.49
C GLU B 37 -5.25 -12.71 8.92
N THR B 38 -5.14 -12.72 7.60
CA THR B 38 -4.11 -13.45 6.87
C THR B 38 -3.59 -12.72 5.66
N ILE B 39 -2.28 -12.52 5.59
CA ILE B 39 -1.78 -11.80 4.46
C ILE B 39 -0.63 -12.48 3.78
N THR B 40 -0.36 -12.07 2.54
CA THR B 40 0.79 -12.61 1.83
C THR B 40 1.28 -11.67 0.77
N ALA B 41 2.57 -11.81 0.46
CA ALA B 41 3.21 -11.04 -0.56
C ALA B 41 3.26 -11.85 -1.87
N GLY B 42 2.48 -12.93 -1.95
CA GLY B 42 2.42 -13.78 -3.13
C GLY B 42 3.73 -14.53 -3.41
N ASN B 43 4.53 -14.73 -2.36
CA ASN B 43 5.79 -15.45 -2.48
C ASN B 43 5.78 -16.84 -1.83
N GLU B 44 4.60 -17.36 -1.51
CA GLU B 44 4.53 -18.66 -0.86
C GLU B 44 4.58 -18.59 0.67
N ASP B 45 4.70 -17.37 1.19
CA ASP B 45 4.74 -17.14 2.62
C ASP B 45 3.46 -16.46 3.01
N CYS B 46 2.69 -17.08 3.89
CA CYS B 46 1.50 -16.46 4.35
C CYS B 46 1.62 -16.15 5.83
N TRP B 47 0.96 -15.08 6.25
CA TRP B 47 1.05 -14.67 7.62
C TRP B 47 -0.28 -14.55 8.26
N SER B 48 -0.43 -15.16 9.43
CA SER B 48 -1.70 -14.99 10.06
C SER B 48 -1.51 -14.35 11.44
N LYS B 49 -2.52 -13.63 11.85
CA LYS B 49 -2.45 -12.87 13.04
C LYS B 49 -3.15 -13.45 14.22
N ARG B 50 -2.54 -13.28 15.39
CA ARG B 50 -3.15 -13.72 16.61
C ARG B 50 -3.04 -12.57 17.64
N PRO B 51 -4.07 -11.71 17.69
CA PRO B 51 -4.08 -10.59 18.62
C PRO B 51 -4.14 -11.12 20.04
N GLY B 52 -3.38 -10.49 20.93
CA GLY B 52 -3.45 -10.87 22.32
C GLY B 52 -2.68 -12.09 22.78
N TRP B 53 -2.01 -12.77 21.84
CA TRP B 53 -1.24 -13.94 22.17
C TRP B 53 0.09 -13.54 22.67
N LYS B 54 0.47 -14.10 23.81
CA LYS B 54 1.74 -13.75 24.40
C LYS B 54 2.51 -14.90 24.98
N LEU B 55 3.62 -15.26 24.35
CA LEU B 55 4.50 -16.28 24.88
C LEU B 55 5.30 -15.49 25.87
N PRO B 56 5.92 -16.17 26.88
CA PRO B 56 6.74 -15.51 27.89
C PRO B 56 8.06 -15.16 27.24
N ASP B 57 8.73 -14.14 27.78
CA ASP B 57 9.99 -13.65 27.22
C ASP B 57 11.09 -14.68 27.08
N ASN B 58 11.16 -15.65 27.97
CA ASN B 58 12.23 -16.62 27.83
C ASN B 58 12.05 -17.53 26.60
N LEU B 59 10.89 -17.48 25.95
CA LEU B 59 10.68 -18.29 24.74
C LEU B 59 10.83 -17.40 23.48
N LEU B 60 11.34 -16.19 23.68
CA LEU B 60 11.48 -15.24 22.57
C LEU B 60 12.84 -14.60 22.48
N THR B 61 13.22 -14.20 21.27
CA THR B 61 14.46 -13.50 21.06
C THR B 61 14.06 -12.14 20.46
N LYS B 62 14.36 -11.05 21.17
CA LYS B 62 14.07 -9.71 20.69
C LYS B 62 14.90 -9.46 19.41
N THR B 63 14.27 -8.93 18.39
CA THR B 63 14.99 -8.63 17.15
C THR B 63 15.29 -7.11 17.17
N GLU B 64 16.05 -6.68 16.17
CA GLU B 64 16.38 -5.26 16.01
C GLU B 64 15.22 -4.48 15.31
N PHE B 65 14.20 -5.20 14.85
CA PHE B 65 13.13 -4.51 14.14
C PHE B 65 12.00 -3.90 14.90
N THR B 66 11.58 -2.71 14.49
CA THR B 66 10.42 -2.07 15.07
C THR B 66 9.36 -1.89 14.00
N SER B 67 9.65 -2.37 12.81
CA SER B 67 8.67 -2.37 11.70
C SER B 67 8.14 -3.83 11.57
N VAL B 68 6.84 -4.04 11.67
CA VAL B 68 6.31 -5.40 11.47
C VAL B 68 6.70 -5.95 10.10
N ASP B 69 6.73 -5.08 9.07
CA ASP B 69 7.07 -5.59 7.75
C ASP B 69 8.45 -6.10 7.74
N GLU B 70 9.36 -5.31 8.31
CA GLU B 70 10.75 -5.75 8.29
C GLU B 70 10.92 -6.99 9.18
N CYS B 71 10.22 -7.05 10.29
CA CYS B 71 10.37 -8.22 11.14
C CYS B 71 9.88 -9.47 10.35
N ARG B 72 8.68 -9.37 9.78
CA ARG B 72 8.16 -10.51 8.99
C ARG B 72 9.11 -10.87 7.87
N LYS B 73 9.69 -9.86 7.24
CA LYS B 73 10.59 -10.12 6.13
C LYS B 73 11.78 -10.91 6.63
N MET B 74 12.31 -10.48 7.76
CA MET B 74 13.47 -11.18 8.31
C MET B 74 13.10 -12.62 8.59
N CYS B 75 11.97 -12.81 9.26
CA CYS B 75 11.49 -14.13 9.62
C CYS B 75 11.37 -15.00 8.39
N GLU B 76 10.77 -14.49 7.31
CA GLU B 76 10.64 -15.33 6.12
C GLU B 76 11.97 -15.72 5.54
N GLU B 77 12.93 -14.81 5.62
CA GLU B 77 14.23 -15.04 5.00
C GLU B 77 15.29 -15.67 5.83
N SER B 78 15.15 -15.59 7.16
CA SER B 78 16.17 -16.15 8.01
C SER B 78 16.34 -17.63 7.68
N ALA B 79 17.59 -18.05 7.60
CA ALA B 79 17.88 -19.45 7.32
C ALA B 79 18.69 -20.01 8.51
N VAL B 80 18.51 -19.37 9.66
CA VAL B 80 19.17 -19.79 10.89
C VAL B 80 18.18 -20.63 11.75
N GLU B 81 18.41 -21.95 11.85
CA GLU B 81 17.57 -22.83 12.71
C GLU B 81 18.07 -22.58 14.13
N PRO B 82 17.16 -22.47 15.15
CA PRO B 82 15.69 -22.57 15.10
C PRO B 82 15.03 -21.63 14.09
N SER B 83 14.39 -22.22 13.09
CA SER B 83 13.70 -21.44 12.08
C SER B 83 12.70 -20.54 12.74
N CYS B 84 12.62 -19.35 12.20
CA CYS B 84 11.71 -18.31 12.67
C CYS B 84 10.31 -18.62 12.16
N TYR B 85 9.27 -18.61 12.99
CA TYR B 85 7.95 -18.82 12.41
C TYR B 85 6.85 -18.16 13.22
N ILE B 86 7.22 -17.62 14.36
CA ILE B 86 6.24 -16.95 15.19
C ILE B 86 6.87 -15.61 15.60
N LEU B 87 6.11 -14.52 15.46
CA LEU B 87 6.64 -13.23 15.86
C LEU B 87 5.68 -12.70 16.86
N GLN B 88 6.20 -11.98 17.85
CA GLN B 88 5.29 -11.43 18.85
C GLN B 88 5.69 -9.93 18.89
N ILE B 89 4.69 -9.09 18.84
CA ILE B 89 4.97 -7.66 18.76
C ILE B 89 4.42 -6.93 19.94
N ASN B 90 5.26 -6.13 20.58
CA ASN B 90 4.74 -5.28 21.68
C ASN B 90 4.01 -4.17 20.89
N THR B 91 2.71 -4.01 21.04
CA THR B 91 2.06 -3.00 20.22
C THR B 91 2.17 -1.56 20.72
N GLU B 92 2.85 -1.30 21.83
CA GLU B 92 2.95 0.10 22.12
C GLU B 92 4.35 0.52 21.83
N THR B 93 5.29 -0.41 21.77
CA THR B 93 6.65 -0.01 21.43
C THR B 93 7.07 -0.51 20.05
N ASN B 94 6.25 -1.38 19.46
CA ASN B 94 6.55 -1.98 18.15
C ASN B 94 7.75 -2.89 18.20
N GLU B 95 8.25 -3.22 19.40
CA GLU B 95 9.38 -4.14 19.43
C GLU B 95 8.87 -5.50 18.97
N CYS B 96 9.67 -6.13 18.13
CA CYS B 96 9.30 -7.38 17.54
C CYS B 96 10.20 -8.51 18.02
N TYR B 97 9.57 -9.58 18.51
CA TYR B 97 10.33 -10.76 19.00
C TYR B 97 9.96 -11.99 18.16
N ARG B 98 10.93 -12.89 18.04
CA ARG B 98 10.76 -14.12 17.32
C ARG B 98 10.93 -15.32 18.28
N ASN B 99 10.35 -16.44 17.89
CA ASN B 99 10.44 -17.65 18.69
C ASN B 99 11.90 -18.05 18.82
N ASN B 100 12.34 -18.37 20.04
CA ASN B 100 13.72 -18.84 20.16
C ASN B 100 13.76 -20.38 20.19
N GLU B 101 12.60 -21.04 20.09
CA GLU B 101 12.60 -22.52 20.07
C GLU B 101 12.32 -23.07 18.70
N GLY B 102 12.88 -24.22 18.36
CA GLY B 102 12.56 -24.86 17.08
C GLY B 102 11.07 -25.25 17.10
N ASP B 103 10.57 -25.63 18.26
CA ASP B 103 9.15 -26.00 18.38
C ASP B 103 8.63 -25.24 19.57
N VAL B 104 7.76 -24.29 19.30
CA VAL B 104 7.29 -23.43 20.35
C VAL B 104 6.51 -24.11 21.44
N THR B 105 6.90 -23.82 22.68
CA THR B 105 6.21 -24.41 23.79
C THR B 105 4.91 -23.68 24.06
N TRP B 106 3.89 -24.01 23.28
CA TRP B 106 2.60 -23.36 23.40
C TRP B 106 1.89 -23.57 24.71
N SER B 107 2.38 -24.51 25.50
CA SER B 107 1.72 -24.75 26.74
C SER B 107 1.97 -23.54 27.66
N SER B 108 2.98 -22.72 27.35
CA SER B 108 3.28 -21.53 28.15
C SER B 108 2.56 -20.29 27.64
N LEU B 109 1.64 -20.46 26.69
CA LEU B 109 0.92 -19.37 26.07
C LEU B 109 -0.14 -18.70 26.93
N GLN B 110 -0.22 -17.37 26.82
CA GLN B 110 -1.23 -16.60 27.52
C GLN B 110 -1.92 -15.93 26.36
N TYR B 111 -3.23 -15.81 26.42
CA TYR B 111 -3.99 -15.21 25.32
C TYR B 111 -4.78 -14.06 25.94
N ASP B 112 -5.59 -13.39 25.10
CA ASP B 112 -6.41 -12.24 25.50
C ASP B 112 -5.52 -11.29 26.30
N GLN B 113 -4.26 -11.17 25.94
CA GLN B 113 -3.40 -10.26 26.66
C GLN B 113 -3.40 -8.89 25.96
N PRO B 114 -3.12 -7.83 26.72
CA PRO B 114 -3.10 -6.48 26.15
C PRO B 114 -1.79 -6.10 25.50
N ASN B 115 -1.85 -5.18 24.54
CA ASN B 115 -0.66 -4.65 23.89
C ASN B 115 0.25 -5.64 23.25
N VAL B 116 -0.33 -6.68 22.71
CA VAL B 116 0.55 -7.65 22.09
C VAL B 116 -0.16 -8.33 20.94
N VAL B 117 0.60 -8.66 19.92
CA VAL B 117 -0.01 -9.35 18.81
C VAL B 117 1.02 -10.34 18.27
N GLN B 118 0.54 -11.49 17.74
CA GLN B 118 1.49 -12.41 17.16
C GLN B 118 1.24 -12.54 15.71
N TRP B 119 2.29 -12.80 14.96
CA TRP B 119 2.14 -13.04 13.55
C TRP B 119 2.76 -14.43 13.32
N HIS B 120 2.05 -15.28 12.57
CA HIS B 120 2.51 -16.66 12.33
C HIS B 120 2.79 -16.90 10.88
N LEU B 121 4.03 -17.26 10.57
CA LEU B 121 4.40 -17.56 9.22
C LEU B 121 3.98 -19.01 8.87
N HIS B 122 3.30 -19.18 7.75
CA HIS B 122 2.91 -20.50 7.28
C HIS B 122 3.23 -20.52 5.80
N ALA B 123 3.79 -21.64 5.35
CA ALA B 123 4.14 -21.81 3.93
C ALA B 123 2.78 -21.89 3.24
N CYS B 124 2.62 -21.29 2.09
CA CYS B 124 1.32 -21.35 1.43
C CYS B 124 1.50 -21.36 -0.08
N SER B 125 0.38 -21.48 -0.79
CA SER B 125 0.42 -21.49 -2.26
C SER B 125 0.18 -20.08 -2.86
N GLU C 37 -10.60 20.19 -11.65
CA GLU C 37 -11.99 19.75 -12.10
C GLU C 37 -12.27 18.30 -11.71
N THR C 38 -13.52 18.05 -11.31
CA THR C 38 -13.99 16.74 -10.87
C THR C 38 -15.40 16.43 -11.31
N ILE C 39 -15.58 15.30 -11.97
CA ILE C 39 -16.91 14.99 -12.38
C ILE C 39 -17.37 13.62 -12.01
N THR C 40 -18.68 13.43 -12.04
CA THR C 40 -19.21 12.09 -11.78
C THR C 40 -20.54 11.90 -12.40
N ALA C 41 -20.85 10.63 -12.65
CA ALA C 41 -22.12 10.23 -13.22
C ALA C 41 -23.02 9.73 -12.10
N GLY C 42 -22.69 10.05 -10.85
CA GLY C 42 -23.47 9.59 -9.71
C GLY C 42 -23.49 8.07 -9.50
N ASN C 43 -22.45 7.37 -9.97
CA ASN C 43 -22.38 5.90 -9.85
C ASN C 43 -21.25 5.45 -8.92
N GLU C 44 -20.77 6.34 -8.06
CA GLU C 44 -19.67 5.98 -7.17
C GLU C 44 -18.27 6.15 -7.81
N ASP C 45 -18.25 6.52 -9.08
CA ASP C 45 -16.98 6.74 -9.77
C ASP C 45 -16.82 8.23 -9.99
N CYS C 46 -15.77 8.80 -9.43
CA CYS C 46 -15.53 10.19 -9.66
C CYS C 46 -14.25 10.36 -10.46
N TRP C 47 -14.24 11.40 -11.31
CA TRP C 47 -13.10 11.66 -12.14
C TRP C 47 -12.46 13.01 -11.91
N SER C 48 -11.15 13.02 -11.69
CA SER C 48 -10.55 14.31 -11.55
C SER C 48 -9.49 14.51 -12.61
N LYS C 49 -9.38 15.76 -13.00
CA LYS C 49 -8.54 16.14 -14.09
C LYS C 49 -7.20 16.68 -13.72
N ARG C 50 -6.18 16.29 -14.51
CA ARG C 50 -4.84 16.84 -14.34
C ARG C 50 -4.28 17.29 -15.67
N PRO C 51 -4.58 18.53 -16.06
CA PRO C 51 -4.09 19.13 -17.31
C PRO C 51 -2.59 19.15 -17.30
N GLY C 52 -1.96 18.82 -18.42
CA GLY C 52 -0.52 18.87 -18.53
C GLY C 52 0.27 17.73 -17.97
N TRP C 53 -0.40 16.76 -17.34
CA TRP C 53 0.34 15.62 -16.79
C TRP C 53 0.61 14.60 -17.86
N LYS C 54 1.84 14.14 -17.91
CA LYS C 54 2.22 13.19 -18.93
C LYS C 54 3.18 12.11 -18.46
N LEU C 55 2.66 10.90 -18.37
CA LEU C 55 3.48 9.77 -18.06
C LEU C 55 4.09 9.42 -19.41
N PRO C 56 5.27 8.76 -19.42
CA PRO C 56 5.94 8.35 -20.65
C PRO C 56 5.15 7.19 -21.25
N ASP C 57 5.22 7.04 -22.58
CA ASP C 57 4.50 5.98 -23.30
C ASP C 57 4.72 4.56 -22.82
N ASN C 58 5.88 4.27 -22.27
CA ASN C 58 6.06 2.88 -21.83
C ASN C 58 5.27 2.58 -20.58
N LEU C 59 4.69 3.59 -19.93
CA LEU C 59 3.86 3.32 -18.74
C LEU C 59 2.37 3.34 -19.13
N LEU C 60 2.10 3.51 -20.42
CA LEU C 60 0.71 3.56 -20.90
C LEU C 60 0.34 2.51 -21.95
N THR C 61 -0.96 2.21 -22.05
CA THR C 61 -1.45 1.30 -23.08
C THR C 61 -2.47 2.14 -23.85
N LYS C 62 -2.21 2.35 -25.13
CA LYS C 62 -3.13 3.08 -25.97
C LYS C 62 -4.44 2.25 -26.10
N THR C 63 -5.58 2.92 -26.01
CA THR C 63 -6.85 2.23 -26.13
C THR C 63 -7.42 2.54 -27.53
N GLU C 64 -8.55 1.92 -27.84
CA GLU C 64 -9.23 2.14 -29.13
C GLU C 64 -10.06 3.42 -29.09
N PHE C 65 -10.23 4.00 -27.91
CA PHE C 65 -11.08 5.20 -27.80
C PHE C 65 -10.52 6.55 -28.12
N THR C 66 -11.30 7.35 -28.82
CA THR C 66 -10.93 8.69 -29.09
C THR C 66 -11.97 9.60 -28.43
N SER C 67 -12.93 9.01 -27.72
CA SER C 67 -13.90 9.82 -26.99
C SER C 67 -13.53 9.73 -25.51
N VAL C 68 -13.32 10.86 -24.84
CA VAL C 68 -13.00 10.79 -23.43
C VAL C 68 -14.06 10.06 -22.63
N ASP C 69 -15.32 10.27 -23.00
CA ASP C 69 -16.41 9.62 -22.25
C ASP C 69 -16.29 8.13 -22.40
N GLU C 70 -16.11 7.67 -23.62
CA GLU C 70 -16.02 6.23 -23.80
C GLU C 70 -14.77 5.71 -23.08
N CYS C 71 -13.68 6.44 -23.12
CA CYS C 71 -12.49 5.95 -22.47
C CYS C 71 -12.71 5.86 -20.98
N ARG C 72 -13.27 6.92 -20.41
CA ARG C 72 -13.52 6.87 -18.98
C ARG C 72 -14.49 5.73 -18.66
N LYS C 73 -15.45 5.48 -19.55
CA LYS C 73 -16.46 4.45 -19.29
C LYS C 73 -15.76 3.10 -19.25
N MET C 74 -14.91 2.89 -20.24
CA MET C 74 -14.18 1.65 -20.28
C MET C 74 -13.36 1.49 -19.01
N CYS C 75 -12.67 2.56 -18.62
CA CYS C 75 -11.83 2.51 -17.41
C CYS C 75 -12.64 2.16 -16.19
N GLU C 76 -13.81 2.74 -16.05
CA GLU C 76 -14.59 2.42 -14.86
C GLU C 76 -15.09 1.00 -14.85
N GLU C 77 -15.32 0.47 -16.04
CA GLU C 77 -15.88 -0.86 -16.13
C GLU C 77 -14.90 -1.98 -16.32
N SER C 78 -13.71 -1.67 -16.83
CA SER C 78 -12.75 -2.74 -17.04
C SER C 78 -12.51 -3.51 -15.78
N ALA C 79 -12.35 -4.80 -16.00
CA ALA C 79 -12.05 -5.75 -14.96
C ALA C 79 -10.79 -6.41 -15.54
N VAL C 80 -10.33 -5.83 -16.65
CA VAL C 80 -9.15 -6.30 -17.36
C VAL C 80 -7.80 -5.63 -16.98
N GLU C 81 -6.69 -6.26 -17.41
CA GLU C 81 -5.28 -5.81 -17.20
C GLU C 81 -5.07 -5.52 -15.73
N PRO C 82 -4.14 -4.55 -15.46
CA PRO C 82 -3.98 -4.21 -14.05
C PRO C 82 -5.19 -3.21 -14.05
N SER C 83 -5.83 -2.97 -12.93
CA SER C 83 -6.96 -2.10 -12.94
C SER C 83 -6.62 -0.75 -13.52
N CYS C 84 -7.55 -0.27 -14.33
CA CYS C 84 -7.44 1.01 -14.98
C CYS C 84 -7.76 2.10 -13.94
N TYR C 85 -6.94 3.15 -13.83
CA TYR C 85 -7.34 4.23 -12.91
C TYR C 85 -6.78 5.59 -13.30
N ILE C 86 -5.93 5.59 -14.33
CA ILE C 86 -5.35 6.82 -14.85
C ILE C 86 -5.48 6.81 -16.37
N LEU C 87 -6.00 7.88 -16.94
CA LEU C 87 -6.10 7.96 -18.37
C LEU C 87 -5.29 9.17 -18.78
N GLN C 88 -4.65 9.07 -19.92
CA GLN C 88 -3.89 10.20 -20.39
C GLN C 88 -4.41 10.43 -21.80
N ILE C 89 -4.75 11.67 -22.10
CA ILE C 89 -5.34 11.99 -23.40
C ILE C 89 -4.46 12.93 -24.20
N ASN C 90 -4.18 12.57 -25.47
CA ASN C 90 -3.42 13.48 -26.35
C ASN C 90 -4.52 14.46 -26.76
N THR C 91 -4.41 15.73 -26.43
CA THR C 91 -5.49 16.60 -26.76
C THR C 91 -5.58 17.09 -28.19
N GLU C 92 -4.66 16.70 -29.05
CA GLU C 92 -4.88 17.18 -30.39
C GLU C 92 -5.37 16.05 -31.23
N THR C 93 -5.05 14.83 -30.84
CA THR C 93 -5.55 13.69 -31.56
C THR C 93 -6.69 12.95 -30.84
N ASN C 94 -6.95 13.28 -29.58
CA ASN C 94 -7.96 12.63 -28.76
C ASN C 94 -7.65 11.18 -28.43
N GLU C 95 -6.46 10.72 -28.78
CA GLU C 95 -6.13 9.35 -28.41
C GLU C 95 -6.13 9.27 -26.88
N CYS C 96 -6.64 8.17 -26.39
CA CYS C 96 -6.74 7.96 -24.98
C CYS C 96 -5.91 6.76 -24.53
N TYR C 97 -5.06 6.97 -23.52
CA TYR C 97 -4.23 5.89 -23.02
C TYR C 97 -4.56 5.63 -21.57
N ARG C 98 -4.37 4.39 -21.15
CA ARG C 98 -4.60 4.03 -19.76
C ARG C 98 -3.29 3.53 -19.15
N ASN C 99 -3.23 3.55 -17.83
CA ASN C 99 -2.05 3.09 -17.13
C ASN C 99 -1.81 1.61 -17.44
N ASN C 100 -0.56 1.22 -17.69
CA ASN C 100 -0.33 -0.21 -17.93
C ASN C 100 0.26 -0.87 -16.68
N GLU C 101 0.42 -0.09 -15.61
CA GLU C 101 0.93 -0.69 -14.36
C GLU C 101 -0.18 -0.78 -13.32
N GLY C 102 -0.10 -1.74 -12.41
CA GLY C 102 -1.07 -1.81 -11.32
C GLY C 102 -0.84 -0.59 -10.39
N ASP C 103 0.41 -0.16 -10.25
CA ASP C 103 0.70 1.00 -9.42
C ASP C 103 1.58 1.91 -10.27
N VAL C 104 1.03 3.05 -10.68
CA VAL C 104 1.73 3.94 -11.57
C VAL C 104 3.05 4.51 -11.04
N THR C 105 4.06 4.40 -11.88
CA THR C 105 5.36 4.89 -11.50
C THR C 105 5.41 6.42 -11.68
N TRP C 106 4.79 7.12 -10.72
CA TRP C 106 4.75 8.59 -10.79
C TRP C 106 6.10 9.26 -10.80
N SER C 107 7.16 8.52 -10.50
CA SER C 107 8.45 9.18 -10.48
C SER C 107 8.83 9.52 -11.90
N SER C 108 8.12 8.94 -12.88
CA SER C 108 8.45 9.24 -14.27
C SER C 108 7.55 10.31 -14.84
N LEU C 109 6.77 10.95 -13.99
CA LEU C 109 5.86 11.97 -14.42
C LEU C 109 6.49 13.29 -14.90
N GLN C 110 5.88 13.87 -15.94
CA GLN C 110 6.30 15.17 -16.43
C GLN C 110 5.03 15.98 -16.38
N TYR C 111 5.15 17.26 -16.10
CA TYR C 111 3.91 17.98 -16.01
C TYR C 111 4.00 19.37 -16.58
N ASP C 112 2.87 20.05 -16.58
CA ASP C 112 2.71 21.33 -17.22
C ASP C 112 3.20 21.12 -18.69
N GLN C 113 2.94 19.92 -19.23
CA GLN C 113 3.26 19.54 -20.60
C GLN C 113 2.12 19.99 -21.53
N PRO C 114 2.45 20.26 -22.81
CA PRO C 114 1.42 20.70 -23.76
C PRO C 114 0.63 19.58 -24.39
N ASN C 115 -0.59 19.90 -24.80
CA ASN C 115 -1.42 18.91 -25.52
C ASN C 115 -1.72 17.60 -24.82
N VAL C 116 -1.82 17.64 -23.50
CA VAL C 116 -2.07 16.38 -22.84
C VAL C 116 -2.87 16.65 -21.60
N VAL C 117 -3.71 15.69 -21.23
CA VAL C 117 -4.50 15.88 -20.02
C VAL C 117 -4.70 14.52 -19.40
N GLN C 118 -4.73 14.45 -18.07
CA GLN C 118 -4.96 13.15 -17.48
C GLN C 118 -6.28 13.20 -16.77
N TRP C 119 -6.93 12.05 -16.67
CA TRP C 119 -8.18 11.96 -15.92
C TRP C 119 -7.92 10.84 -14.95
N HIS C 120 -8.29 11.05 -13.70
CA HIS C 120 -8.01 10.07 -12.67
C HIS C 120 -9.30 9.56 -12.04
N LEU C 121 -9.48 8.26 -12.07
CA LEU C 121 -10.63 7.65 -11.50
C LEU C 121 -10.46 7.44 -10.00
N HIS C 122 -11.42 7.92 -9.21
CA HIS C 122 -11.38 7.71 -7.77
C HIS C 122 -12.77 7.22 -7.34
N ALA C 123 -12.79 6.18 -6.51
CA ALA C 123 -14.05 5.65 -6.01
C ALA C 123 -14.57 6.78 -5.14
N CYS C 124 -15.85 7.07 -5.20
CA CYS C 124 -16.41 8.16 -4.39
C CYS C 124 -17.82 7.82 -3.96
N SER C 125 -18.39 8.71 -3.15
CA SER C 125 -19.76 8.54 -2.66
C SER C 125 -20.81 9.26 -3.52
CA ROP D . -3.75 -5.12 8.59
CB ROP D . -3.06 -6.02 7.56
CG ROP D . -2.16 -5.22 6.59
OD1 ROP D . -1.41 -4.34 7.01
ND2 ROP D . -2.23 -5.55 5.32
CA ROP E . 7.36 -7.46 4.04
CB ROP E . 5.91 -7.78 3.66
CG ROP E . 5.15 -8.52 4.78
OD1 ROP E . 5.23 -8.17 5.95
ND2 ROP E . 4.40 -9.53 4.40
CA ROP F . -15.43 19.83 -18.76
CB ROP F . -16.18 18.76 -17.94
CG ROP F . -17.38 18.14 -18.72
OD1 ROP F . -17.26 17.80 -19.89
ND2 ROP F . -18.48 17.98 -18.04
#